data_2AAX
#
_entry.id   2AAX
#
_cell.length_a   42.320
_cell.length_b   90.125
_cell.length_c   172.537
_cell.angle_alpha   90.00
_cell.angle_beta   90.00
_cell.angle_gamma   90.00
#
_symmetry.space_group_name_H-M   'P 21 21 21'
#
loop_
_entity.id
_entity.type
_entity.pdbx_description
1 polymer 'Mineralocorticoid receptor'
2 non-polymer 'SULFATE ION'
3 non-polymer 17,21-DIHYDROXYPREGNA-1,4-DIENE-3,11,20-TRIONE
4 water water
#
_entity_poly.entity_id   1
_entity_poly.type   'polypeptide(L)'
_entity_poly.pdbx_seq_one_letter_code
;GSAPAKEPSVNTALVPQLSTISRALTPSPVMVLENIEPEIVYAGYDSSKPDTAENLLSTLNRLAGKQMIQVVKWAKVLPG
FKNLPLEDQITLIQYSWMSLLSFALSWRSYKHTNSQFLYFAPDLVFNEEKMHQSAMYELCQGMHQISLQFVRLQLTFEEY
TIMKVLLLLSTIPKDGLKSQAAFEEMRTNYIKELRKMVTKCPNNSGQSWQRFYQLTKLLDSMHDLVSDLLEFCFYTFRES
HALKVEFPAMLVEIISDQLPKVESGNAKPLYFHRK
;
_entity_poly.pdbx_strand_id   A,B
#
# COMPACT_ATOMS: atom_id res chain seq x y z
N ALA A 13 38.50 -24.60 -31.40
CA ALA A 13 37.11 -24.08 -31.31
C ALA A 13 37.09 -22.64 -30.75
N LEU A 14 35.90 -22.15 -30.41
CA LEU A 14 35.74 -20.79 -29.89
C LEU A 14 35.37 -20.82 -28.41
N VAL A 15 35.85 -19.85 -27.67
CA VAL A 15 35.67 -19.84 -26.23
C VAL A 15 34.32 -19.22 -25.91
N PRO A 16 33.45 -19.96 -25.20
CA PRO A 16 32.13 -19.41 -24.83
C PRO A 16 32.30 -18.24 -23.90
N GLN A 17 31.55 -17.18 -24.18
CA GLN A 17 31.72 -15.94 -23.44
C GLN A 17 30.92 -15.92 -22.16
N LEU A 18 29.77 -16.60 -22.15
CA LEU A 18 28.95 -16.69 -20.94
C LEU A 18 29.42 -17.82 -20.00
N SER A 19 29.42 -17.53 -18.70
CA SER A 19 29.82 -18.51 -17.68
C SER A 19 28.60 -18.97 -16.91
N THR A 20 28.16 -20.19 -17.21
CA THR A 20 27.11 -20.88 -16.45
C THR A 20 27.49 -20.93 -14.98
N ILE A 21 28.75 -21.26 -14.69
CA ILE A 21 29.19 -21.40 -13.30
C ILE A 21 29.09 -20.04 -12.58
N SER A 22 29.60 -19.00 -13.21
CA SER A 22 29.51 -17.64 -12.65
C SER A 22 28.06 -17.25 -12.37
N ARG A 23 27.18 -17.52 -13.32
CA ARG A 23 25.78 -17.16 -13.17
C ARG A 23 25.16 -17.86 -11.98
N ALA A 24 25.46 -19.15 -11.83
CA ALA A 24 24.92 -19.94 -10.73
C ALA A 24 25.42 -19.51 -9.37
N LEU A 25 26.68 -19.08 -9.30
CA LEU A 25 27.30 -18.78 -7.99
C LEU A 25 27.08 -17.33 -7.55
N THR A 26 26.67 -16.49 -8.49
CA THR A 26 26.44 -15.07 -8.21
C THR A 26 25.37 -14.95 -7.13
N PRO A 27 25.69 -14.25 -6.03
CA PRO A 27 24.74 -14.12 -4.91
C PRO A 27 23.60 -13.19 -5.30
N SER A 28 22.44 -13.41 -4.69
CA SER A 28 21.30 -12.52 -4.85
C SER A 28 21.65 -11.11 -4.33
N PRO A 29 20.95 -10.10 -4.82
CA PRO A 29 21.08 -8.73 -4.28
C PRO A 29 20.92 -8.65 -2.75
N VAL A 30 19.96 -9.40 -2.20
CA VAL A 30 19.77 -9.44 -0.75
C VAL A 30 20.98 -10.04 -0.02
N MET A 31 21.56 -11.09 -0.59
CA MET A 31 22.77 -11.60 0.02
C MET A 31 23.92 -10.60 -0.09
N VAL A 32 23.99 -9.89 -1.20
CA VAL A 32 25.03 -8.89 -1.34
C VAL A 32 24.84 -7.79 -0.27
N LEU A 33 23.59 -7.38 -0.06
CA LEU A 33 23.32 -6.31 0.94
C LEU A 33 23.82 -6.74 2.31
N GLU A 34 23.64 -8.01 2.63
CA GLU A 34 24.22 -8.52 3.88
C GLU A 34 25.76 -8.44 3.93
N ASN A 35 26.40 -8.92 2.87
CA ASN A 35 27.85 -8.88 2.75
C ASN A 35 28.45 -7.50 2.86
N ILE A 36 27.74 -6.46 2.41
CA ILE A 36 28.34 -5.12 2.31
C ILE A 36 27.91 -4.19 3.46
N GLU A 37 27.10 -4.72 4.38
CA GLU A 37 26.65 -3.90 5.51
C GLU A 37 27.86 -3.42 6.31
N PRO A 38 27.96 -2.12 6.58
CA PRO A 38 29.13 -1.59 7.31
C PRO A 38 29.30 -2.12 8.72
N GLU A 39 30.54 -2.23 9.16
CA GLU A 39 30.82 -2.60 10.53
C GLU A 39 30.39 -1.44 11.44
N ILE A 40 30.08 -1.77 12.70
CA ILE A 40 29.66 -0.75 13.65
C ILE A 40 30.85 0.16 13.97
N VAL A 41 30.59 1.44 14.09
CA VAL A 41 31.58 2.50 14.28
C VAL A 41 31.49 3.00 15.74
N TYR A 42 32.64 3.26 16.35
CA TYR A 42 32.69 3.81 17.70
C TYR A 42 32.68 5.33 17.67
N ALA A 43 32.16 5.95 18.73
CA ALA A 43 32.07 7.40 18.78
C ALA A 43 33.32 8.02 19.36
N GLY A 44 34.06 7.28 20.18
CA GLY A 44 35.18 7.92 20.87
C GLY A 44 34.66 8.88 21.96
N TYR A 45 33.54 8.49 22.56
CA TYR A 45 32.93 9.24 23.66
C TYR A 45 33.83 9.26 24.91
N ASP A 46 33.92 10.43 25.52
CA ASP A 46 34.81 10.62 26.66
C ASP A 46 33.97 10.96 27.87
N SER A 47 33.75 9.99 28.75
CA SER A 47 32.90 10.20 29.92
C SER A 47 33.53 11.12 30.95
N SER A 48 34.81 11.46 30.76
CA SER A 48 35.49 12.34 31.72
C SER A 48 35.11 13.81 31.54
N LYS A 49 34.56 14.13 30.36
CA LYS A 49 34.07 15.47 30.05
C LYS A 49 32.59 15.58 30.40
N PRO A 50 32.09 16.77 30.77
CA PRO A 50 30.68 16.90 31.16
C PRO A 50 29.71 16.60 30.03
N ASP A 51 28.56 16.07 30.38
CA ASP A 51 27.52 15.77 29.40
C ASP A 51 26.68 17.03 29.12
N THR A 52 27.34 18.03 28.56
CA THR A 52 26.67 19.26 28.13
C THR A 52 26.22 19.05 26.68
N ALA A 53 25.26 19.87 26.25
CA ALA A 53 24.79 19.77 24.86
C ALA A 53 25.95 19.97 23.89
N GLU A 54 26.81 20.99 24.14
CA GLU A 54 27.97 21.21 23.27
C GLU A 54 28.81 19.92 23.09
N ASN A 55 29.13 19.28 24.20
CA ASN A 55 29.97 18.08 24.11
C ASN A 55 29.25 16.92 23.44
N LEU A 56 27.99 16.71 23.79
CA LEU A 56 27.25 15.54 23.27
C LEU A 56 26.99 15.72 21.78
N LEU A 57 26.54 16.92 21.37
CA LEU A 57 26.26 17.17 19.95
C LEU A 57 27.52 17.11 19.10
N SER A 58 28.63 17.62 19.64
CA SER A 58 29.88 17.62 18.89
C SER A 58 30.38 16.16 18.73
N THR A 59 30.15 15.34 19.75
CA THR A 59 30.51 13.93 19.68
C THR A 59 29.68 13.21 18.62
N LEU A 60 28.38 13.49 18.62
CA LEU A 60 27.50 12.87 17.63
C LEU A 60 27.88 13.31 16.21
N ASN A 61 28.18 14.59 16.03
CA ASN A 61 28.59 15.03 14.70
C ASN A 61 29.89 14.35 14.23
N ARG A 62 30.84 14.16 15.13
CA ARG A 62 32.07 13.45 14.80
C ARG A 62 31.73 12.01 14.41
N LEU A 63 30.83 11.39 15.18
CA LEU A 63 30.38 10.03 14.89
C LEU A 63 29.77 9.96 13.49
N ALA A 64 28.92 10.94 13.17
CA ALA A 64 28.31 11.01 11.87
C ALA A 64 29.31 11.03 10.73
N GLY A 65 30.37 11.84 10.89
CA GLY A 65 31.41 11.89 9.88
C GLY A 65 32.05 10.54 9.65
N LYS A 66 32.34 9.80 10.73
CA LYS A 66 32.92 8.46 10.62
C LYS A 66 31.97 7.50 9.94
N GLN A 67 30.68 7.65 10.28
CA GLN A 67 29.66 6.82 9.68
C GLN A 67 29.50 7.09 8.17
N MET A 68 29.64 8.36 7.76
CA MET A 68 29.47 8.70 6.36
C MET A 68 30.59 8.12 5.51
N ILE A 69 31.79 8.01 6.09
CA ILE A 69 32.89 7.34 5.37
C ILE A 69 32.47 5.91 5.02
N GLN A 70 31.80 5.23 5.96
CA GLN A 70 31.33 3.85 5.73
C GLN A 70 30.21 3.81 4.72
N VAL A 71 29.34 4.82 4.75
CA VAL A 71 28.22 4.89 3.85
C VAL A 71 28.71 4.98 2.40
N VAL A 72 29.74 5.80 2.19
CA VAL A 72 30.25 5.99 0.83
C VAL A 72 30.86 4.67 0.34
N LYS A 73 31.60 3.99 1.22
CA LYS A 73 32.22 2.70 0.88
C LYS A 73 31.13 1.67 0.49
N TRP A 74 30.03 1.70 1.24
CA TRP A 74 28.87 0.83 0.98
C TRP A 74 28.21 1.17 -0.36
N ALA A 75 28.04 2.47 -0.64
CA ALA A 75 27.38 2.92 -1.87
C ALA A 75 28.17 2.50 -3.13
N LYS A 76 29.48 2.42 -3.00
CA LYS A 76 30.35 2.01 -4.12
C LYS A 76 30.06 0.59 -4.59
N VAL A 77 29.61 -0.27 -3.68
CA VAL A 77 29.41 -1.70 -3.96
C VAL A 77 27.94 -2.13 -3.89
N LEU A 78 27.05 -1.15 -3.80
CA LEU A 78 25.62 -1.41 -3.75
C LEU A 78 25.08 -1.80 -5.15
N PRO A 79 24.51 -2.99 -5.30
CA PRO A 79 24.06 -3.48 -6.62
C PRO A 79 23.13 -2.47 -7.30
N GLY A 80 23.45 -2.11 -8.54
CA GLY A 80 22.62 -1.19 -9.28
C GLY A 80 23.08 0.26 -9.20
N PHE A 81 23.72 0.64 -8.09
CA PHE A 81 24.02 2.06 -7.89
C PHE A 81 25.03 2.57 -8.95
N LYS A 82 25.91 1.69 -9.43
CA LYS A 82 26.93 2.03 -10.46
C LYS A 82 26.30 2.36 -11.82
N ASN A 83 25.07 1.92 -12.05
CA ASN A 83 24.35 2.17 -13.29
C ASN A 83 23.81 3.60 -13.42
N LEU A 84 23.76 4.33 -12.29
CA LEU A 84 23.33 5.71 -12.28
C LEU A 84 24.51 6.62 -12.64
N PRO A 85 24.25 7.76 -13.29
CA PRO A 85 25.33 8.71 -13.55
C PRO A 85 26.01 9.08 -12.24
N LEU A 86 27.32 9.31 -12.27
CA LEU A 86 28.06 9.68 -11.08
C LEU A 86 27.46 10.89 -10.36
N GLU A 87 27.03 11.88 -11.16
CA GLU A 87 26.48 13.08 -10.60
C GLU A 87 25.27 12.72 -9.71
N ASP A 88 24.47 11.76 -10.19
CA ASP A 88 23.27 11.33 -9.50
C ASP A 88 23.64 10.51 -8.27
N GLN A 89 24.70 9.72 -8.35
CA GLN A 89 25.13 8.98 -7.16
C GLN A 89 25.45 9.92 -6.01
N ILE A 90 26.25 10.95 -6.32
CA ILE A 90 26.65 11.91 -5.31
C ILE A 90 25.46 12.69 -4.78
N THR A 91 24.55 13.09 -5.66
CA THR A 91 23.34 13.79 -5.26
C THR A 91 22.51 12.95 -4.26
N LEU A 92 22.33 11.67 -4.57
CA LEU A 92 21.46 10.84 -3.72
C LEU A 92 22.08 10.60 -2.35
N ILE A 93 23.39 10.41 -2.29
CA ILE A 93 24.07 10.27 -0.98
C ILE A 93 23.89 11.57 -0.17
N GLN A 94 24.05 12.72 -0.83
CA GLN A 94 23.91 14.00 -0.12
C GLN A 94 22.49 14.31 0.36
N TYR A 95 21.48 13.95 -0.42
CA TYR A 95 20.11 14.18 -0.05
C TYR A 95 19.60 13.23 1.03
N SER A 96 20.15 12.02 1.07
CA SER A 96 19.59 11.00 1.94
C SER A 96 20.39 10.71 3.20
N TRP A 97 21.53 11.38 3.39
CA TRP A 97 22.41 10.99 4.48
C TRP A 97 21.73 10.90 5.88
N MET A 98 20.90 11.89 6.23
CA MET A 98 20.28 11.89 7.56
C MET A 98 19.27 10.72 7.67
N SER A 99 18.59 10.41 6.58
CA SER A 99 17.66 9.27 6.56
C SER A 99 18.42 7.97 6.79
N LEU A 100 19.54 7.79 6.11
CA LEU A 100 20.33 6.56 6.26
C LEU A 100 20.84 6.40 7.71
N LEU A 101 21.43 7.46 8.24
CA LEU A 101 22.03 7.37 9.58
C LEU A 101 20.98 7.23 10.66
N SER A 102 19.84 7.91 10.52
CA SER A 102 18.82 7.80 11.55
C SER A 102 18.14 6.40 11.51
N PHE A 103 17.93 5.86 10.30
CA PHE A 103 17.32 4.54 10.18
C PHE A 103 18.25 3.47 10.77
N ALA A 104 19.56 3.60 10.50
CA ALA A 104 20.53 2.64 11.03
C ALA A 104 20.63 2.75 12.56
N LEU A 105 20.47 3.98 13.08
CA LEU A 105 20.46 4.16 14.55
C LEU A 105 19.31 3.36 15.16
N SER A 106 18.12 3.47 14.55
CA SER A 106 16.97 2.72 15.04
C SER A 106 17.19 1.22 14.95
N TRP A 107 17.84 0.78 13.87
CA TRP A 107 18.20 -0.64 13.76
C TRP A 107 19.11 -1.08 14.90
N ARG A 108 20.21 -0.35 15.11
CA ARG A 108 21.11 -0.72 16.23
C ARG A 108 20.39 -0.71 17.59
N SER A 109 19.51 0.29 17.77
CA SER A 109 18.75 0.40 19.04
C SER A 109 17.86 -0.83 19.28
N TYR A 110 17.19 -1.26 18.21
CA TYR A 110 16.34 -2.43 18.19
C TYR A 110 17.15 -3.70 18.45
N LYS A 111 18.24 -3.90 17.72
CA LYS A 111 19.01 -5.12 17.81
C LYS A 111 19.81 -5.23 19.12
N HIS A 112 20.39 -4.13 19.56
CA HIS A 112 21.30 -4.20 20.71
C HIS A 112 20.62 -3.88 22.03
N THR A 113 19.48 -3.18 22.01
CA THR A 113 18.85 -2.84 23.29
C THR A 113 17.36 -3.17 23.41
N ASN A 114 16.84 -3.89 22.41
CA ASN A 114 15.40 -4.13 22.33
C ASN A 114 14.61 -2.82 22.30
N SER A 115 15.21 -1.79 21.67
CA SER A 115 14.59 -0.48 21.56
C SER A 115 14.32 0.15 22.92
N GLN A 116 15.19 -0.10 23.90
CA GLN A 116 15.07 0.56 25.20
C GLN A 116 15.85 1.87 25.23
N PHE A 117 16.91 1.93 24.44
CA PHE A 117 17.82 3.09 24.40
C PHE A 117 18.14 3.49 22.98
N LEU A 118 18.83 4.63 22.79
CA LEU A 118 19.33 4.99 21.44
C LEU A 118 20.80 4.59 21.34
N TYR A 119 21.08 3.53 20.56
CA TYR A 119 22.41 2.99 20.48
C TYR A 119 23.17 3.69 19.36
N PHE A 120 23.68 4.88 19.65
CA PHE A 120 24.46 5.60 18.65
C PHE A 120 25.72 4.86 18.28
N ALA A 121 26.40 4.32 19.29
CA ALA A 121 27.60 3.51 19.07
C ALA A 121 27.78 2.66 20.34
N PRO A 122 28.64 1.63 20.31
CA PRO A 122 28.79 0.76 21.48
C PRO A 122 29.25 1.56 22.71
N ASP A 123 29.99 2.65 22.49
CA ASP A 123 30.48 3.45 23.59
C ASP A 123 29.61 4.69 23.88
N LEU A 124 28.48 4.78 23.18
CA LEU A 124 27.59 5.94 23.35
C LEU A 124 26.15 5.53 23.18
N VAL A 125 25.56 5.15 24.29
CA VAL A 125 24.17 4.74 24.28
C VAL A 125 23.37 5.78 25.08
N PHE A 126 22.34 6.34 24.48
CA PHE A 126 21.56 7.36 25.17
C PHE A 126 20.39 6.78 25.94
N ASN A 127 20.35 7.10 27.23
CA ASN A 127 19.13 6.92 28.02
C ASN A 127 18.35 8.25 28.06
N GLU A 128 17.24 8.30 28.79
CA GLU A 128 16.45 9.56 28.80
C GLU A 128 17.30 10.73 29.25
N GLU A 129 18.18 10.52 30.22
CA GLU A 129 18.97 11.64 30.75
C GLU A 129 19.84 12.28 29.66
N LYS A 130 20.55 11.45 28.88
CA LYS A 130 21.36 11.98 27.79
C LYS A 130 20.50 12.65 26.74
N MET A 131 19.32 12.09 26.48
CA MET A 131 18.39 12.70 25.54
C MET A 131 18.07 14.15 25.98
N HIS A 132 17.77 14.33 27.28
CA HIS A 132 17.55 15.72 27.78
C HIS A 132 18.82 16.59 27.67
N GLN A 133 19.94 16.04 28.08
CA GLN A 133 21.19 16.77 28.05
C GLN A 133 21.66 17.21 26.67
N SER A 134 21.26 16.48 25.63
CA SER A 134 21.63 16.76 24.26
C SER A 134 20.99 18.04 23.70
N ALA A 135 19.95 18.55 24.37
CA ALA A 135 19.16 19.69 23.90
C ALA A 135 18.42 19.40 22.60
N MET A 136 18.23 18.12 22.30
CA MET A 136 17.31 17.73 21.23
C MET A 136 16.43 16.58 21.68
N TYR A 137 15.80 16.75 22.85
CA TYR A 137 15.02 15.68 23.46
C TYR A 137 13.89 15.19 22.56
N GLU A 138 13.12 16.14 22.00
CA GLU A 138 11.97 15.73 21.17
C GLU A 138 12.43 14.96 19.93
N LEU A 139 13.57 15.36 19.37
CA LEU A 139 14.12 14.67 18.19
C LEU A 139 14.57 13.26 18.57
N CYS A 140 15.20 13.15 19.73
CA CYS A 140 15.58 11.81 20.22
C CYS A 140 14.33 10.94 20.39
N GLN A 141 13.24 11.50 20.93
CA GLN A 141 11.99 10.73 21.08
C GLN A 141 11.47 10.29 19.72
N GLY A 142 11.59 11.16 18.72
CA GLY A 142 11.19 10.79 17.37
C GLY A 142 11.96 9.63 16.78
N MET A 143 13.29 9.60 16.96
CA MET A 143 14.06 8.48 16.48
C MET A 143 13.74 7.22 17.27
N HIS A 144 13.52 7.41 18.58
CA HIS A 144 13.19 6.28 19.44
C HIS A 144 11.86 5.66 19.02
N GLN A 145 10.91 6.48 18.57
CA GLN A 145 9.62 5.94 18.08
C GLN A 145 9.78 5.01 16.88
N ILE A 146 10.75 5.30 16.00
CA ILE A 146 11.01 4.39 14.89
C ILE A 146 11.57 3.07 15.47
N SER A 147 12.48 3.16 16.45
CA SER A 147 13.02 1.92 17.07
C SER A 147 11.87 1.07 17.64
N LEU A 148 10.91 1.73 18.27
CA LEU A 148 9.80 1.01 18.87
C LEU A 148 8.91 0.38 17.81
N GLN A 149 8.80 1.02 16.63
CA GLN A 149 8.05 0.40 15.53
C GLN A 149 8.73 -0.87 15.06
N PHE A 150 10.07 -0.89 15.09
CA PHE A 150 10.79 -2.09 14.62
C PHE A 150 10.38 -3.29 15.48
N VAL A 151 10.21 -3.05 16.78
CA VAL A 151 9.83 -4.14 17.71
C VAL A 151 8.39 -4.57 17.43
N ARG A 152 7.52 -3.59 17.25
CA ARG A 152 6.11 -3.90 17.03
C ARG A 152 5.95 -4.74 15.76
N LEU A 153 6.73 -4.39 14.72
CA LEU A 153 6.65 -5.05 13.43
C LEU A 153 7.56 -6.26 13.33
N GLN A 154 8.43 -6.44 14.34
CA GLN A 154 9.44 -7.52 14.27
C GLN A 154 10.16 -7.44 12.93
N LEU A 155 10.72 -6.26 12.65
CA LEU A 155 11.43 -6.07 11.38
C LEU A 155 12.59 -7.04 11.28
N THR A 156 12.79 -7.60 10.08
CA THR A 156 13.92 -8.50 9.90
C THR A 156 15.10 -7.79 9.28
N PHE A 157 16.28 -8.38 9.40
CA PHE A 157 17.47 -7.80 8.78
C PHE A 157 17.34 -7.64 7.26
N GLU A 158 16.73 -8.65 6.61
CA GLU A 158 16.56 -8.55 5.15
C GLU A 158 15.67 -7.38 4.78
N GLU A 159 14.55 -7.22 5.48
CA GLU A 159 13.65 -6.09 5.24
C GLU A 159 14.38 -4.77 5.49
N TYR A 160 15.11 -4.71 6.60
CA TYR A 160 15.92 -3.54 6.91
C TYR A 160 16.91 -3.18 5.80
N THR A 161 17.68 -4.14 5.31
CA THR A 161 18.69 -3.76 4.31
C THR A 161 18.06 -3.24 3.02
N ILE A 162 16.90 -3.81 2.64
CA ILE A 162 16.23 -3.34 1.42
C ILE A 162 15.63 -1.98 1.67
N MET A 163 15.06 -1.79 2.85
CA MET A 163 14.44 -0.49 3.19
C MET A 163 15.51 0.62 3.21
N LYS A 164 16.72 0.31 3.68
CA LYS A 164 17.78 1.31 3.71
C LYS A 164 18.13 1.77 2.31
N VAL A 165 18.15 0.86 1.35
CA VAL A 165 18.40 1.28 -0.03
C VAL A 165 17.24 2.15 -0.51
N LEU A 166 16.00 1.78 -0.18
CA LEU A 166 14.89 2.63 -0.61
C LEU A 166 14.98 4.04 -0.01
N LEU A 167 15.54 4.16 1.20
CA LEU A 167 15.77 5.51 1.75
C LEU A 167 16.82 6.30 0.98
N LEU A 168 17.87 5.62 0.54
CA LEU A 168 18.89 6.24 -0.31
C LEU A 168 18.19 6.80 -1.56
N LEU A 169 17.12 6.14 -1.99
CA LEU A 169 16.40 6.53 -3.22
C LEU A 169 15.06 7.24 -2.95
N SER A 170 14.98 7.96 -1.83
CA SER A 170 13.69 8.52 -1.39
C SER A 170 13.58 10.03 -1.54
N THR A 171 14.69 10.68 -1.88
CA THR A 171 14.70 12.14 -2.05
C THR A 171 15.50 12.51 -3.29
N ILE A 172 14.89 13.32 -4.16
CA ILE A 172 15.55 13.71 -5.41
C ILE A 172 15.42 15.22 -5.64
N PRO A 173 16.28 15.80 -6.49
CA PRO A 173 16.17 17.25 -6.76
C PRO A 173 14.86 17.55 -7.48
N LYS A 174 14.28 18.70 -7.15
CA LYS A 174 13.00 19.15 -7.70
C LYS A 174 13.03 19.09 -9.21
N ASP A 175 14.18 19.44 -9.75
CA ASP A 175 14.38 19.50 -11.19
C ASP A 175 14.63 18.12 -11.79
N GLY A 176 15.04 17.17 -10.96
CA GLY A 176 15.31 15.83 -11.45
C GLY A 176 16.79 15.53 -11.57
N LEU A 177 17.07 14.24 -11.69
CA LEU A 177 18.43 13.74 -11.81
C LEU A 177 18.88 13.79 -13.27
N LYS A 178 20.17 13.57 -13.51
CA LYS A 178 20.72 13.47 -14.85
C LYS A 178 19.98 12.37 -15.64
N SER A 179 19.76 11.22 -14.99
CA SER A 179 18.97 10.14 -15.60
C SER A 179 17.83 9.66 -14.71
N GLN A 180 16.66 10.23 -14.91
CA GLN A 180 15.46 9.83 -14.19
C GLN A 180 15.10 8.35 -14.49
N ALA A 181 15.27 7.94 -15.74
CA ALA A 181 14.99 6.56 -16.12
C ALA A 181 15.90 5.53 -15.42
N ALA A 182 17.20 5.80 -15.30
CA ALA A 182 18.09 4.85 -14.60
C ALA A 182 17.75 4.80 -13.10
N PHE A 183 17.48 5.96 -12.54
CA PHE A 183 16.99 6.04 -11.16
C PHE A 183 15.71 5.24 -10.94
N GLU A 184 14.71 5.44 -11.80
CA GLU A 184 13.45 4.73 -11.65
C GLU A 184 13.66 3.24 -11.77
N GLU A 185 14.55 2.81 -12.68
CA GLU A 185 14.83 1.38 -12.82
C GLU A 185 15.38 0.78 -11.49
N MET A 186 16.34 1.45 -10.90
CA MET A 186 16.90 0.93 -9.64
C MET A 186 15.87 0.94 -8.51
N ARG A 187 15.11 2.04 -8.40
CA ARG A 187 14.09 2.13 -7.35
C ARG A 187 13.03 1.03 -7.50
N THR A 188 12.54 0.85 -8.73
CA THR A 188 11.58 -0.22 -9.02
C THR A 188 12.14 -1.59 -8.67
N ASN A 189 13.41 -1.85 -8.99
CA ASN A 189 14.04 -3.15 -8.72
C ASN A 189 14.09 -3.43 -7.23
N TYR A 190 14.45 -2.41 -6.45
CA TYR A 190 14.45 -2.60 -4.98
C TYR A 190 13.08 -2.67 -4.34
N ILE A 191 12.09 -1.97 -4.89
CA ILE A 191 10.73 -2.13 -4.42
C ILE A 191 10.27 -3.57 -4.68
N LYS A 192 10.64 -4.10 -5.84
CA LYS A 192 10.33 -5.51 -6.14
C LYS A 192 11.00 -6.48 -5.15
N GLU A 193 12.25 -6.19 -4.78
CA GLU A 193 12.94 -6.99 -3.74
C GLU A 193 12.12 -7.00 -2.44
N LEU A 194 11.63 -5.84 -2.02
CA LEU A 194 10.83 -5.81 -0.77
C LEU A 194 9.52 -6.59 -0.91
N ARG A 195 8.87 -6.44 -2.05
CA ARG A 195 7.61 -7.15 -2.32
C ARG A 195 7.80 -8.66 -2.23
N LYS A 196 8.86 -9.18 -2.87
CA LYS A 196 9.18 -10.60 -2.76
C LYS A 196 9.49 -11.02 -1.32
N MET A 197 10.20 -10.15 -0.61
CA MET A 197 10.63 -10.42 0.76
C MET A 197 9.43 -10.65 1.71
N VAL A 198 8.33 -9.93 1.47
CA VAL A 198 7.19 -10.04 2.35
C VAL A 198 6.18 -11.09 1.89
N THR A 199 6.49 -11.76 0.79
CA THR A 199 5.65 -12.84 0.29
C THR A 199 5.86 -14.11 1.12
N LYS A 200 4.78 -14.54 1.78
CA LYS A 200 4.78 -15.67 2.72
C LYS A 200 4.51 -17.00 2.02
N CYS A 201 4.88 -18.10 2.68
CA CYS A 201 4.61 -19.43 2.15
C CYS A 201 3.32 -19.98 2.77
N ASN A 203 1.13 -19.21 0.17
CA ASN A 203 0.83 -17.77 -0.11
C ASN A 203 -0.44 -17.30 0.59
N ASN A 204 -0.37 -16.06 1.09
CA ASN A 204 -1.48 -15.39 1.76
C ASN A 204 -1.38 -13.91 1.37
N SER A 205 -2.06 -13.55 0.28
CA SER A 205 -1.95 -12.21 -0.32
C SER A 205 -2.35 -11.14 0.70
N GLY A 206 -3.44 -11.37 1.42
CA GLY A 206 -3.87 -10.46 2.46
C GLY A 206 -2.75 -10.13 3.46
N GLN A 207 -2.11 -11.16 4.02
CA GLN A 207 -1.00 -10.93 4.97
C GLN A 207 0.18 -10.22 4.32
N SER A 208 0.52 -10.64 3.10
CA SER A 208 1.66 -10.08 2.38
C SER A 208 1.43 -8.57 2.12
N TRP A 209 0.23 -8.21 1.65
CA TRP A 209 -0.07 -6.80 1.37
C TRP A 209 -0.12 -5.99 2.65
N GLN A 210 -0.64 -6.59 3.71
CA GLN A 210 -0.73 -5.86 4.96
C GLN A 210 0.69 -5.50 5.46
N ARG A 211 1.61 -6.43 5.32
CA ARG A 211 2.97 -6.13 5.78
C ARG A 211 3.66 -5.11 4.86
N PHE A 212 3.44 -5.24 3.56
CA PHE A 212 4.07 -4.32 2.64
C PHE A 212 3.57 -2.91 2.98
N TYR A 213 2.27 -2.80 3.31
CA TYR A 213 1.70 -1.51 3.67
C TYR A 213 2.35 -0.94 4.94
N GLN A 214 2.60 -1.80 5.90
CA GLN A 214 3.17 -1.33 7.16
C GLN A 214 4.59 -0.83 6.89
N LEU A 215 5.30 -1.52 5.98
CA LEU A 215 6.71 -1.15 5.77
C LEU A 215 6.80 0.11 4.95
N THR A 216 5.91 0.29 3.98
CA THR A 216 5.96 1.51 3.19
C THR A 216 5.44 2.69 4.00
N LYS A 217 4.51 2.47 4.93
CA LYS A 217 4.05 3.56 5.79
C LYS A 217 5.25 4.00 6.65
N LEU A 218 6.02 3.02 7.10
CA LEU A 218 7.21 3.31 7.93
C LEU A 218 8.22 4.14 7.13
N LEU A 219 8.55 3.70 5.91
CA LEU A 219 9.42 4.48 5.00
C LEU A 219 8.92 5.91 4.86
N ASP A 220 7.63 6.07 4.57
CA ASP A 220 7.11 7.42 4.38
C ASP A 220 7.26 8.28 5.62
N SER A 221 7.10 7.67 6.80
CA SER A 221 7.16 8.36 8.10
C SER A 221 8.57 8.92 8.34
N MET A 222 9.56 8.36 7.64
CA MET A 222 10.95 8.89 7.80
C MET A 222 11.06 10.30 7.24
N HIS A 223 10.24 10.66 6.24
CA HIS A 223 10.36 12.02 5.72
C HIS A 223 10.09 13.11 6.77
N ASP A 224 9.00 13.00 7.53
CA ASP A 224 8.68 14.06 8.49
C ASP A 224 9.72 14.08 9.62
N LEU A 225 10.21 12.89 10.00
CA LEU A 225 11.22 12.84 11.05
C LEU A 225 12.52 13.50 10.56
N VAL A 226 12.94 13.11 9.36
CA VAL A 226 14.20 13.63 8.84
C VAL A 226 14.12 15.12 8.57
N SER A 227 12.96 15.60 8.12
CA SER A 227 12.79 17.05 7.98
C SER A 227 13.04 17.78 9.29
N ASP A 228 12.53 17.23 10.39
CA ASP A 228 12.78 17.84 11.72
C ASP A 228 14.23 17.72 12.16
N LEU A 229 14.87 16.59 11.88
CA LEU A 229 16.27 16.39 12.20
C LEU A 229 17.12 17.40 11.42
N LEU A 230 16.81 17.57 10.14
CA LEU A 230 17.57 18.50 9.31
C LEU A 230 17.36 19.94 9.77
N GLU A 231 16.16 20.27 10.16
CA GLU A 231 15.92 21.64 10.66
C GLU A 231 16.86 21.97 11.84
N PHE A 232 16.95 21.05 12.80
CA PHE A 232 17.86 21.24 13.93
C PHE A 232 19.32 21.26 13.48
N CYS A 233 19.68 20.37 12.55
CA CYS A 233 21.05 20.29 12.05
C CYS A 233 21.47 21.60 11.39
N PHE A 234 20.63 22.11 10.49
CA PHE A 234 20.96 23.38 9.79
C PHE A 234 21.04 24.53 10.78
N TYR A 235 20.18 24.50 11.81
CA TYR A 235 20.19 25.50 12.85
C TYR A 235 21.53 25.47 13.63
N THR A 236 21.92 24.31 14.16
CA THR A 236 23.18 24.21 14.88
C THR A 236 24.41 24.50 13.99
N PHE A 237 24.30 24.21 12.71
CA PHE A 237 25.37 24.48 11.77
C PHE A 237 25.52 26.00 11.60
N ARG A 238 24.41 26.68 11.35
CA ARG A 238 24.43 28.13 11.21
C ARG A 238 24.94 28.81 12.47
N GLU A 239 24.55 28.30 13.64
CA GLU A 239 24.93 28.95 14.90
C GLU A 239 26.04 28.21 15.64
N SER A 240 26.88 27.53 14.87
CA SER A 240 27.88 26.65 15.46
C SER A 240 28.80 27.41 16.41
N HIS A 241 29.18 28.63 16.04
CA HIS A 241 30.09 29.40 16.89
C HIS A 241 29.43 29.80 18.22
N ALA A 242 28.24 30.37 18.17
CA ALA A 242 27.49 30.75 19.39
C ALA A 242 27.20 29.54 20.27
N LEU A 243 26.87 28.41 19.63
CA LEU A 243 26.51 27.21 20.37
C LEU A 243 27.67 26.31 20.79
N LYS A 244 28.84 26.57 20.22
CA LYS A 244 30.06 25.79 20.44
C LYS A 244 29.84 24.34 20.04
N VAL A 245 29.12 24.15 18.94
CA VAL A 245 28.92 22.81 18.40
C VAL A 245 29.89 22.63 17.24
N GLU A 246 30.70 21.57 17.32
CA GLU A 246 31.70 21.34 16.28
C GLU A 246 31.20 20.32 15.25
N PHE A 247 31.64 20.51 14.00
CA PHE A 247 31.32 19.58 12.90
C PHE A 247 32.62 19.13 12.24
N PRO A 248 32.74 17.84 11.90
CA PRO A 248 33.92 17.36 11.17
C PRO A 248 33.84 17.77 9.70
N ALA A 249 34.99 17.73 9.02
CA ALA A 249 35.07 18.15 7.62
C ALA A 249 34.00 17.48 6.74
N MET A 250 33.79 16.20 6.95
CA MET A 250 32.79 15.46 6.16
C MET A 250 31.38 16.10 6.26
N LEU A 251 30.97 16.44 7.48
CA LEU A 251 29.65 17.06 7.63
C LEU A 251 29.65 18.48 7.16
N VAL A 252 30.76 19.21 7.32
CA VAL A 252 30.78 20.56 6.76
C VAL A 252 30.54 20.50 5.24
N GLU A 253 31.18 19.51 4.60
CA GLU A 253 30.95 19.30 3.16
C GLU A 253 29.51 19.00 2.80
N ILE A 254 28.92 18.03 3.48
CA ILE A 254 27.54 17.61 3.20
C ILE A 254 26.57 18.73 3.50
N ILE A 255 26.70 19.36 4.67
CA ILE A 255 25.69 20.35 5.09
C ILE A 255 25.82 21.61 4.22
N SER A 256 27.04 21.96 3.85
CA SER A 256 27.24 23.17 3.02
C SER A 256 26.55 22.98 1.66
N ASP A 257 26.50 21.74 1.17
CA ASP A 257 25.84 21.46 -0.10
C ASP A 257 24.33 21.45 0.11
N GLN A 258 23.91 20.74 1.15
CA GLN A 258 22.50 20.44 1.35
C GLN A 258 21.68 21.57 1.92
N LEU A 259 22.25 22.37 2.81
CA LEU A 259 21.45 23.37 3.50
C LEU A 259 20.73 24.33 2.48
N PRO A 260 21.47 24.97 1.57
CA PRO A 260 20.81 25.88 0.61
C PRO A 260 19.82 25.17 -0.32
N LYS A 261 20.10 23.92 -0.69
CA LYS A 261 19.24 23.16 -1.59
C LYS A 261 17.91 22.81 -0.92
N VAL A 262 17.97 22.32 0.32
CA VAL A 262 16.76 21.99 1.05
C VAL A 262 15.93 23.25 1.41
N GLU A 263 16.60 24.26 1.93
CA GLU A 263 15.90 25.47 2.37
C GLU A 263 15.28 26.28 1.20
N SER A 264 15.81 26.08 0.01
CA SER A 264 15.30 26.77 -1.19
C SER A 264 14.18 25.96 -1.84
N GLY A 265 13.85 24.82 -1.24
CA GLY A 265 12.79 23.96 -1.73
C GLY A 265 13.15 23.05 -2.89
N ASN A 266 14.43 22.69 -3.04
CA ASN A 266 14.88 21.81 -4.13
C ASN A 266 14.85 20.30 -3.77
N ALA A 267 14.49 19.95 -2.55
CA ALA A 267 14.49 18.52 -2.19
C ALA A 267 13.08 17.96 -2.33
N LYS A 268 12.90 17.01 -3.24
CA LYS A 268 11.59 16.45 -3.47
C LYS A 268 11.50 15.05 -2.84
N PRO A 269 10.72 14.91 -1.79
CA PRO A 269 10.56 13.62 -1.14
C PRO A 269 9.63 12.74 -1.96
N LEU A 270 9.99 11.45 -2.08
CA LEU A 270 9.10 10.48 -2.76
C LEU A 270 8.33 9.69 -1.73
N TYR A 271 7.02 9.62 -1.89
CA TYR A 271 6.15 8.87 -0.98
C TYR A 271 5.50 7.69 -1.66
N PHE A 272 5.18 6.67 -0.87
CA PHE A 272 4.36 5.55 -1.31
C PHE A 272 2.85 5.85 -1.17
N HIS A 273 2.48 6.65 -0.16
CA HIS A 273 1.05 6.90 0.14
C HIS A 273 0.78 8.38 0.02
N ARG A 274 -0.39 8.74 -0.46
CA ARG A 274 -0.75 10.17 -0.51
C ARG A 274 -1.26 10.70 0.84
N LEU B 14 8.28 -34.21 -32.50
CA LEU B 14 7.17 -34.01 -31.54
C LEU B 14 6.45 -32.70 -31.80
N VAL B 15 5.13 -32.72 -31.63
CA VAL B 15 4.31 -31.54 -31.74
C VAL B 15 4.44 -30.69 -30.48
N PRO B 16 4.84 -29.43 -30.64
CA PRO B 16 4.94 -28.49 -29.50
C PRO B 16 3.56 -28.33 -28.90
N GLN B 17 3.50 -28.46 -27.59
CA GLN B 17 2.23 -28.32 -26.91
C GLN B 17 1.99 -26.86 -26.46
N LEU B 18 3.06 -26.05 -26.50
CA LEU B 18 2.95 -24.60 -26.33
C LEU B 18 2.51 -23.94 -27.64
N SER B 19 1.55 -23.01 -27.56
CA SER B 19 1.14 -22.22 -28.72
C SER B 19 1.47 -20.75 -28.50
N THR B 20 2.54 -20.28 -29.13
CA THR B 20 2.90 -18.87 -29.09
C THR B 20 1.72 -18.04 -29.61
N ILE B 21 1.17 -18.47 -30.75
CA ILE B 21 0.14 -17.70 -31.42
C ILE B 21 -1.07 -17.54 -30.50
N SER B 22 -1.50 -18.65 -29.89
CA SER B 22 -2.64 -18.63 -28.99
C SER B 22 -2.41 -17.68 -27.82
N ARG B 23 -1.25 -17.79 -27.18
CA ARG B 23 -0.92 -16.94 -26.04
C ARG B 23 -0.87 -15.47 -26.45
N ALA B 24 -0.38 -15.20 -27.64
CA ALA B 24 -0.31 -13.85 -28.15
C ALA B 24 -1.68 -13.27 -28.49
N LEU B 25 -2.58 -14.11 -29.00
CA LEU B 25 -3.86 -13.64 -29.51
C LEU B 25 -4.94 -13.57 -28.44
N THR B 26 -4.78 -14.36 -27.38
CA THR B 26 -5.74 -14.41 -26.27
C THR B 26 -5.89 -12.99 -25.71
N PRO B 27 -7.14 -12.51 -25.56
CA PRO B 27 -7.37 -11.16 -25.02
C PRO B 27 -6.83 -11.11 -23.59
N SER B 28 -6.29 -9.96 -23.19
CA SER B 28 -5.84 -9.76 -21.80
C SER B 28 -7.04 -9.92 -20.86
N PRO B 29 -6.77 -10.25 -19.58
CA PRO B 29 -7.85 -10.40 -18.60
C PRO B 29 -8.70 -9.12 -18.54
N VAL B 30 -8.08 -7.95 -18.62
CA VAL B 30 -8.84 -6.69 -18.58
C VAL B 30 -9.74 -6.56 -19.80
N MET B 31 -9.25 -7.00 -20.98
CA MET B 31 -10.07 -6.97 -22.18
C MET B 31 -11.23 -7.94 -22.08
N VAL B 32 -11.00 -9.11 -21.48
CA VAL B 32 -12.11 -10.05 -21.29
C VAL B 32 -13.18 -9.44 -20.36
N LEU B 33 -12.72 -8.77 -19.30
CA LEU B 33 -13.66 -8.16 -18.34
C LEU B 33 -14.57 -7.16 -19.03
N GLU B 34 -14.01 -6.40 -19.97
CA GLU B 34 -14.83 -5.49 -20.76
C GLU B 34 -15.85 -6.25 -21.57
N ASN B 35 -15.39 -7.33 -22.21
CA ASN B 35 -16.26 -8.12 -23.06
C ASN B 35 -17.43 -8.79 -22.32
N ILE B 36 -17.23 -9.17 -21.06
CA ILE B 36 -18.26 -9.93 -20.34
C ILE B 36 -19.08 -9.07 -19.37
N GLU B 37 -18.81 -7.78 -19.32
CA GLU B 37 -19.57 -6.93 -18.41
C GLU B 37 -21.06 -6.94 -18.81
N PRO B 38 -21.97 -7.25 -17.86
CA PRO B 38 -23.40 -7.32 -18.19
C PRO B 38 -23.98 -6.01 -18.69
N GLU B 39 -24.98 -6.08 -19.57
CA GLU B 39 -25.67 -4.89 -20.04
C GLU B 39 -26.50 -4.32 -18.87
N ILE B 40 -26.84 -3.04 -18.95
CA ILE B 40 -27.58 -2.41 -17.85
C ILE B 40 -28.97 -3.05 -17.68
N VAL B 41 -29.37 -3.25 -16.42
CA VAL B 41 -30.64 -3.88 -16.04
C VAL B 41 -31.70 -2.82 -15.65
N TYR B 42 -32.95 -3.00 -16.11
CA TYR B 42 -34.08 -2.10 -15.75
C TYR B 42 -34.81 -2.54 -14.51
N ALA B 43 -35.33 -1.57 -13.75
CA ALA B 43 -36.01 -1.92 -12.51
C ALA B 43 -37.46 -2.27 -12.73
N GLY B 44 -38.04 -1.81 -13.83
CA GLY B 44 -39.50 -1.91 -13.97
C GLY B 44 -40.26 -1.06 -12.95
N TYR B 45 -39.67 0.09 -12.60
CA TYR B 45 -40.29 1.02 -11.68
C TYR B 45 -41.61 1.59 -12.27
N ASP B 46 -42.64 1.58 -11.44
CA ASP B 46 -43.98 2.10 -11.77
C ASP B 46 -44.22 3.37 -10.97
N SER B 47 -44.19 4.51 -11.65
CA SER B 47 -44.35 5.83 -10.99
C SER B 47 -45.72 6.02 -10.35
N SER B 48 -46.68 5.14 -10.66
CA SER B 48 -48.03 5.27 -10.09
C SER B 48 -48.12 4.84 -8.62
N LYS B 49 -47.17 4.03 -8.17
CA LYS B 49 -47.16 3.62 -6.76
C LYS B 49 -46.61 4.74 -5.89
N PRO B 50 -47.20 4.97 -4.71
CA PRO B 50 -46.65 5.99 -3.80
C PRO B 50 -45.18 5.68 -3.50
N ASP B 51 -44.39 6.72 -3.39
CA ASP B 51 -42.97 6.62 -3.10
C ASP B 51 -42.76 6.51 -1.59
N THR B 52 -43.19 5.36 -1.07
CA THR B 52 -43.00 5.06 0.34
C THR B 52 -41.95 3.97 0.42
N ALA B 53 -41.39 3.82 1.60
CA ALA B 53 -40.31 2.85 1.79
C ALA B 53 -40.73 1.47 1.38
N GLU B 54 -41.94 1.06 1.75
CA GLU B 54 -42.36 -0.30 1.42
C GLU B 54 -42.30 -0.52 -0.10
N ASN B 55 -42.75 0.47 -0.87
CA ASN B 55 -42.73 0.32 -2.31
C ASN B 55 -41.33 0.48 -2.91
N LEU B 56 -40.57 1.48 -2.48
CA LEU B 56 -39.22 1.71 -3.03
C LEU B 56 -38.29 0.54 -2.70
N LEU B 57 -38.37 0.07 -1.45
CA LEU B 57 -37.44 -1.01 -1.06
C LEU B 57 -37.78 -2.31 -1.78
N SER B 58 -39.08 -2.57 -1.94
CA SER B 58 -39.48 -3.77 -2.68
C SER B 58 -39.02 -3.70 -4.15
N THR B 59 -39.11 -2.51 -4.74
CA THR B 59 -38.64 -2.34 -6.12
C THR B 59 -37.15 -2.60 -6.20
N LEU B 60 -36.41 -2.03 -5.25
CA LEU B 60 -34.94 -2.26 -5.23
C LEU B 60 -34.63 -3.74 -5.08
N ASN B 61 -35.32 -4.41 -4.16
CA ASN B 61 -35.06 -5.84 -3.99
C ASN B 61 -35.34 -6.62 -5.29
N ARG B 62 -36.40 -6.28 -6.00
CA ARG B 62 -36.65 -6.95 -7.27
C ARG B 62 -35.58 -6.68 -8.31
N LEU B 63 -35.11 -5.44 -8.35
CA LEU B 63 -34.02 -5.06 -9.23
C LEU B 63 -32.76 -5.85 -8.88
N ALA B 64 -32.49 -6.02 -7.58
CA ALA B 64 -31.37 -6.82 -7.17
C ALA B 64 -31.43 -8.27 -7.69
N GLY B 65 -32.61 -8.87 -7.60
CA GLY B 65 -32.80 -10.23 -8.10
C GLY B 65 -32.42 -10.30 -9.58
N LYS B 66 -32.87 -9.32 -10.36
CA LYS B 66 -32.54 -9.33 -11.79
C LYS B 66 -31.03 -9.14 -12.02
N GLN B 67 -30.43 -8.28 -11.21
CA GLN B 67 -28.99 -8.04 -11.33
C GLN B 67 -28.18 -9.32 -11.02
N MET B 68 -28.62 -10.07 -10.00
CA MET B 68 -27.89 -11.24 -9.60
C MET B 68 -27.95 -12.32 -10.66
N ILE B 69 -29.05 -12.36 -11.43
CA ILE B 69 -29.10 -13.28 -12.57
C ILE B 69 -27.96 -12.96 -13.54
N GLN B 70 -27.67 -11.65 -13.70
CA GLN B 70 -26.57 -11.24 -14.57
C GLN B 70 -25.21 -11.47 -13.95
N VAL B 71 -25.11 -11.33 -12.64
CA VAL B 71 -23.83 -11.61 -11.93
C VAL B 71 -23.40 -13.08 -12.09
N VAL B 72 -24.36 -13.99 -11.98
CA VAL B 72 -24.03 -15.40 -12.11
C VAL B 72 -23.55 -15.70 -13.54
N LYS B 73 -24.20 -15.09 -14.53
CA LYS B 73 -23.79 -15.29 -15.94
C LYS B 73 -22.38 -14.76 -16.18
N TRP B 74 -22.07 -13.62 -15.55
CA TRP B 74 -20.74 -13.01 -15.60
C TRP B 74 -19.69 -13.89 -14.93
N ALA B 75 -20.03 -14.43 -13.76
CA ALA B 75 -19.07 -15.26 -13.01
C ALA B 75 -18.72 -16.53 -13.79
N LYS B 76 -19.68 -17.06 -14.56
CA LYS B 76 -19.45 -18.26 -15.35
C LYS B 76 -18.35 -18.12 -16.38
N VAL B 77 -18.14 -16.90 -16.89
CA VAL B 77 -17.17 -16.63 -17.97
C VAL B 77 -16.01 -15.75 -17.49
N LEU B 78 -15.92 -15.59 -16.17
CA LEU B 78 -14.87 -14.79 -15.55
C LEU B 78 -13.54 -15.58 -15.53
N PRO B 79 -12.50 -15.09 -16.22
CA PRO B 79 -11.22 -15.83 -16.27
C PRO B 79 -10.69 -16.23 -14.91
N GLY B 80 -10.38 -17.52 -14.78
CA GLY B 80 -9.82 -18.04 -13.56
C GLY B 80 -10.86 -18.58 -12.60
N PHE B 81 -12.11 -18.12 -12.72
CA PHE B 81 -13.13 -18.48 -11.71
C PHE B 81 -13.51 -19.97 -11.77
N LYS B 82 -13.56 -20.51 -12.99
CA LYS B 82 -13.79 -21.95 -13.23
C LYS B 82 -12.69 -22.86 -12.67
N ASN B 83 -11.54 -22.29 -12.31
CA ASN B 83 -10.47 -23.12 -11.76
C ASN B 83 -10.69 -23.44 -10.28
N LEU B 84 -11.56 -22.67 -9.62
CA LEU B 84 -11.93 -22.92 -8.23
C LEU B 84 -12.96 -24.04 -8.13
N PRO B 85 -12.91 -24.81 -7.05
CA PRO B 85 -13.97 -25.81 -6.78
C PRO B 85 -15.35 -25.19 -6.93
N LEU B 86 -16.30 -25.93 -7.48
CA LEU B 86 -17.67 -25.46 -7.64
C LEU B 86 -18.26 -24.92 -6.33
N GLU B 87 -18.05 -25.63 -5.21
CA GLU B 87 -18.59 -25.16 -3.93
C GLU B 87 -18.05 -23.77 -3.56
N ASP B 88 -16.78 -23.52 -3.91
CA ASP B 88 -16.12 -22.25 -3.61
C ASP B 88 -16.67 -21.11 -4.50
N GLN B 89 -16.94 -21.43 -5.76
CA GLN B 89 -17.56 -20.47 -6.69
C GLN B 89 -18.90 -20.00 -6.16
N ILE B 90 -19.72 -20.95 -5.74
CA ILE B 90 -21.00 -20.65 -5.16
C ILE B 90 -20.87 -19.83 -3.89
N THR B 91 -19.94 -20.21 -3.02
CA THR B 91 -19.72 -19.50 -1.78
C THR B 91 -19.34 -18.05 -2.01
N LEU B 92 -18.41 -17.83 -2.96
CA LEU B 92 -17.91 -16.48 -3.16
C LEU B 92 -19.00 -15.57 -3.70
N ILE B 93 -19.86 -16.09 -4.55
CA ILE B 93 -20.98 -15.28 -5.08
C ILE B 93 -21.94 -14.90 -3.94
N GLN B 94 -22.24 -15.89 -3.10
CA GLN B 94 -23.12 -15.65 -1.96
C GLN B 94 -22.57 -14.68 -0.94
N TYR B 95 -21.25 -14.70 -0.68
CA TYR B 95 -20.71 -13.79 0.32
C TYR B 95 -20.51 -12.38 -0.24
N SER B 96 -20.31 -12.26 -1.55
CA SER B 96 -19.91 -10.95 -2.10
C SER B 96 -21.05 -10.18 -2.75
N TRP B 97 -22.25 -10.74 -2.80
CA TRP B 97 -23.29 -10.11 -3.62
C TRP B 97 -23.52 -8.62 -3.38
N MET B 98 -23.63 -8.22 -2.11
CA MET B 98 -23.94 -6.83 -1.82
C MET B 98 -22.75 -5.90 -2.19
N SER B 99 -21.52 -6.39 -1.99
CA SER B 99 -20.35 -5.64 -2.43
C SER B 99 -20.36 -5.40 -3.93
N LEU B 100 -20.59 -6.47 -4.72
CA LEU B 100 -20.67 -6.34 -6.18
C LEU B 100 -21.77 -5.33 -6.60
N LEU B 101 -22.96 -5.45 -6.02
CA LEU B 101 -24.05 -4.63 -6.54
C LEU B 101 -23.91 -3.19 -6.09
N SER B 102 -23.40 -2.96 -4.89
CA SER B 102 -23.25 -1.59 -4.42
C SER B 102 -22.11 -0.88 -5.16
N PHE B 103 -21.04 -1.62 -5.49
CA PHE B 103 -19.93 -1.01 -6.23
C PHE B 103 -20.38 -0.65 -7.64
N ALA B 104 -21.17 -1.53 -8.28
CA ALA B 104 -21.66 -1.28 -9.63
C ALA B 104 -22.66 -0.11 -9.65
N LEU B 105 -23.43 0.03 -8.57
CA LEU B 105 -24.32 1.21 -8.45
C LEU B 105 -23.49 2.49 -8.44
N SER B 106 -22.41 2.51 -7.67
CA SER B 106 -21.55 3.72 -7.65
C SER B 106 -20.91 3.97 -9.02
N TRP B 107 -20.53 2.91 -9.72
CA TRP B 107 -20.01 3.06 -11.08
C TRP B 107 -21.07 3.66 -12.00
N ARG B 108 -22.28 3.10 -12.01
CA ARG B 108 -23.31 3.68 -12.92
C ARG B 108 -23.60 5.12 -12.54
N SER B 109 -23.59 5.39 -11.24
CA SER B 109 -23.86 6.77 -10.78
C SER B 109 -22.81 7.76 -11.28
N TYR B 110 -21.54 7.32 -11.21
CA TYR B 110 -20.40 8.12 -11.69
C TYR B 110 -20.51 8.31 -13.21
N LYS B 111 -20.72 7.24 -13.97
CA LYS B 111 -20.67 7.29 -15.40
C LYS B 111 -21.87 8.03 -15.99
N HIS B 112 -23.06 7.77 -15.46
CA HIS B 112 -24.30 8.31 -16.05
C HIS B 112 -24.79 9.64 -15.49
N THR B 113 -24.32 10.03 -14.32
CA THR B 113 -24.80 11.28 -13.71
C THR B 113 -23.69 12.12 -13.14
N ASN B 114 -22.42 11.75 -13.40
CA ASN B 114 -21.28 12.44 -12.79
C ASN B 114 -21.40 12.45 -11.26
N SER B 115 -21.93 11.36 -10.72
CA SER B 115 -22.12 11.15 -9.30
C SER B 115 -22.99 12.22 -8.65
N GLN B 116 -23.99 12.69 -9.38
CA GLN B 116 -24.98 13.59 -8.82
C GLN B 116 -26.16 12.87 -8.17
N PHE B 117 -26.47 11.67 -8.66
CA PHE B 117 -27.61 10.88 -8.20
C PHE B 117 -27.21 9.46 -8.00
N LEU B 118 -28.09 8.65 -7.39
CA LEU B 118 -27.84 7.20 -7.36
C LEU B 118 -28.57 6.53 -8.52
N TYR B 119 -27.81 6.10 -9.51
CA TYR B 119 -28.40 5.53 -10.72
C TYR B 119 -28.61 4.00 -10.56
N PHE B 120 -29.69 3.65 -9.88
CA PHE B 120 -29.94 2.23 -9.66
C PHE B 120 -30.24 1.53 -10.97
N ALA B 121 -31.08 2.16 -11.80
CA ALA B 121 -31.35 1.66 -13.15
C ALA B 121 -31.76 2.88 -13.98
N PRO B 122 -31.82 2.75 -15.31
CA PRO B 122 -32.20 3.91 -16.14
C PRO B 122 -33.57 4.47 -15.78
N ASP B 123 -34.44 3.58 -15.32
CA ASP B 123 -35.80 3.93 -14.94
C ASP B 123 -35.97 4.13 -13.44
N LEU B 124 -34.86 4.23 -12.71
CA LEU B 124 -34.92 4.38 -11.26
C LEU B 124 -33.67 5.08 -10.77
N VAL B 125 -33.74 6.39 -10.82
CA VAL B 125 -32.64 7.24 -10.38
C VAL B 125 -33.02 7.97 -9.12
N PHE B 126 -32.26 7.78 -8.07
CA PHE B 126 -32.60 8.41 -6.79
C PHE B 126 -31.95 9.78 -6.64
N ASN B 127 -32.80 10.79 -6.37
CA ASN B 127 -32.35 12.09 -5.85
C ASN B 127 -32.50 12.10 -4.32
N GLU B 128 -32.24 13.23 -3.70
CA GLU B 128 -32.27 13.30 -2.23
C GLU B 128 -33.65 12.90 -1.73
N GLU B 129 -34.69 13.33 -2.44
CA GLU B 129 -36.05 13.00 -1.98
C GLU B 129 -36.32 11.49 -1.89
N LYS B 130 -35.94 10.75 -2.94
CA LYS B 130 -36.12 9.31 -2.94
C LYS B 130 -35.28 8.66 -1.86
N MET B 131 -34.09 9.20 -1.62
CA MET B 131 -33.19 8.64 -0.59
C MET B 131 -33.91 8.76 0.79
N HIS B 132 -34.54 9.90 1.03
CA HIS B 132 -35.32 10.05 2.28
C HIS B 132 -36.49 9.07 2.33
N GLN B 133 -37.23 9.01 1.23
CA GLN B 133 -38.43 8.17 1.15
C GLN B 133 -38.15 6.68 1.31
N SER B 134 -36.93 6.27 0.94
CA SER B 134 -36.53 4.87 0.98
C SER B 134 -36.38 4.35 2.42
N ALA B 135 -36.33 5.27 3.40
CA ALA B 135 -36.11 4.96 4.82
C ALA B 135 -34.73 4.33 5.03
N MET B 136 -33.83 4.54 4.09
CA MET B 136 -32.43 4.17 4.32
C MET B 136 -31.52 5.29 3.85
N TYR B 137 -31.81 6.51 4.31
CA TYR B 137 -31.10 7.70 3.82
C TYR B 137 -29.58 7.64 4.04
N GLU B 138 -29.18 7.33 5.29
CA GLU B 138 -27.74 7.30 5.58
C GLU B 138 -27.02 6.23 4.79
N LEU B 139 -27.69 5.11 4.53
CA LEU B 139 -27.08 4.09 3.67
C LEU B 139 -26.92 4.60 2.21
N CYS B 140 -27.95 5.23 1.69
CA CYS B 140 -27.81 5.85 0.38
C CYS B 140 -26.66 6.86 0.37
N GLN B 141 -26.51 7.63 1.45
CA GLN B 141 -25.38 8.59 1.51
C GLN B 141 -24.03 7.88 1.46
N GLY B 142 -23.93 6.76 2.13
CA GLY B 142 -22.70 6.01 2.13
C GLY B 142 -22.34 5.48 0.75
N MET B 143 -23.35 5.01 0.00
CA MET B 143 -23.13 4.53 -1.37
C MET B 143 -22.76 5.71 -2.27
N HIS B 144 -23.45 6.82 -2.07
CA HIS B 144 -23.17 8.06 -2.83
C HIS B 144 -21.74 8.57 -2.59
N GLN B 145 -21.23 8.38 -1.37
CA GLN B 145 -19.86 8.80 -1.06
C GLN B 145 -18.83 8.01 -1.86
N ILE B 146 -19.07 6.73 -2.11
CA ILE B 146 -18.20 5.99 -3.02
C ILE B 146 -18.24 6.58 -4.43
N SER B 147 -19.44 6.89 -4.94
CA SER B 147 -19.55 7.48 -6.29
C SER B 147 -18.75 8.78 -6.33
N LEU B 148 -18.78 9.55 -5.25
CA LEU B 148 -18.05 10.82 -5.21
C LEU B 148 -16.55 10.57 -5.21
N GLN B 149 -16.12 9.50 -4.55
CA GLN B 149 -14.71 9.10 -4.60
C GLN B 149 -14.27 8.71 -6.03
N PHE B 150 -15.16 8.11 -6.80
CA PHE B 150 -14.82 7.78 -8.17
C PHE B 150 -14.49 9.03 -8.98
N VAL B 151 -15.24 10.10 -8.72
CA VAL B 151 -14.99 11.37 -9.44
C VAL B 151 -13.67 11.98 -9.00
N ARG B 152 -13.46 12.01 -7.70
CA ARG B 152 -12.22 12.55 -7.14
C ARG B 152 -10.99 11.81 -7.67
N LEU B 153 -11.06 10.48 -7.76
CA LEU B 153 -9.97 9.63 -8.24
C LEU B 153 -9.91 9.52 -9.76
N GLN B 154 -10.96 10.01 -10.44
CA GLN B 154 -11.11 9.76 -11.88
C GLN B 154 -10.90 8.29 -12.17
N LEU B 155 -11.70 7.42 -11.54
CA LEU B 155 -11.53 6.00 -11.72
C LEU B 155 -11.78 5.62 -13.16
N THR B 156 -10.93 4.76 -13.71
CA THR B 156 -11.16 4.27 -15.08
C THR B 156 -11.98 2.98 -15.14
N PHE B 157 -12.59 2.70 -16.30
CA PHE B 157 -13.33 1.46 -16.47
C PHE B 157 -12.46 0.23 -16.24
N GLU B 158 -11.20 0.28 -16.75
CA GLU B 158 -10.28 -0.84 -16.54
C GLU B 158 -10.07 -1.07 -15.05
N GLU B 159 -9.77 0.00 -14.31
CA GLU B 159 -9.59 -0.12 -12.85
C GLU B 159 -10.85 -0.66 -12.18
N TYR B 160 -11.99 -0.12 -12.58
CA TYR B 160 -13.26 -0.57 -11.99
C TYR B 160 -13.50 -2.06 -12.23
N THR B 161 -13.31 -2.55 -13.46
CA THR B 161 -13.59 -3.97 -13.71
C THR B 161 -12.69 -4.89 -12.88
N ILE B 162 -11.42 -4.53 -12.70
CA ILE B 162 -10.52 -5.38 -11.91
C ILE B 162 -10.91 -5.32 -10.46
N MET B 163 -11.24 -4.12 -9.99
CA MET B 163 -11.64 -3.96 -8.58
C MET B 163 -12.93 -4.74 -8.28
N LYS B 164 -13.87 -4.82 -9.24
CA LYS B 164 -15.07 -5.64 -9.02
C LYS B 164 -14.75 -7.12 -8.80
N VAL B 165 -13.78 -7.65 -9.54
CA VAL B 165 -13.36 -9.02 -9.34
C VAL B 165 -12.73 -9.14 -7.96
N LEU B 166 -11.92 -8.16 -7.58
CA LEU B 166 -11.33 -8.19 -6.24
C LEU B 166 -12.38 -8.21 -5.14
N LEU B 167 -13.48 -7.48 -5.33
CA LEU B 167 -14.58 -7.58 -4.37
C LEU B 167 -15.23 -8.95 -4.33
N LEU B 168 -15.35 -9.61 -5.47
CA LEU B 168 -15.89 -10.98 -5.51
C LEU B 168 -14.98 -11.87 -4.66
N LEU B 169 -13.70 -11.53 -4.59
CA LEU B 169 -12.72 -12.32 -3.85
C LEU B 169 -12.33 -11.67 -2.52
N SER B 170 -13.26 -10.91 -1.89
CA SER B 170 -12.87 -10.12 -0.71
C SER B 170 -13.41 -10.62 0.62
N THR B 171 -14.29 -11.61 0.57
CA THR B 171 -14.89 -12.19 1.78
C THR B 171 -14.89 -13.70 1.65
N ILE B 172 -14.38 -14.40 2.67
CA ILE B 172 -14.34 -15.86 2.62
C ILE B 172 -14.87 -16.43 3.93
N PRO B 173 -15.26 -17.70 3.93
CA PRO B 173 -15.77 -18.30 5.17
C PRO B 173 -14.64 -18.40 6.19
N LYS B 174 -14.95 -18.16 7.46
CA LYS B 174 -13.98 -18.22 8.55
C LYS B 174 -13.22 -19.55 8.61
N ASP B 175 -13.92 -20.64 8.35
CA ASP B 175 -13.25 -21.95 8.26
C ASP B 175 -12.29 -22.03 7.05
N GLY B 176 -12.66 -21.35 5.98
CA GLY B 176 -11.90 -21.37 4.74
C GLY B 176 -12.69 -22.03 3.63
N LEU B 177 -12.15 -21.97 2.44
CA LEU B 177 -12.75 -22.53 1.23
C LEU B 177 -12.28 -23.96 1.04
N LYS B 178 -12.92 -24.71 0.14
CA LYS B 178 -12.45 -26.06 -0.22
C LYS B 178 -11.00 -26.03 -0.76
N SER B 179 -10.69 -25.07 -1.63
CA SER B 179 -9.31 -24.89 -2.05
C SER B 179 -8.77 -23.48 -1.82
N GLN B 180 -8.20 -23.27 -0.64
CA GLN B 180 -7.58 -21.99 -0.32
C GLN B 180 -6.48 -21.66 -1.33
N ALA B 181 -5.68 -22.65 -1.73
CA ALA B 181 -4.63 -22.40 -2.74
C ALA B 181 -5.15 -21.89 -4.09
N ALA B 182 -6.25 -22.45 -4.58
CA ALA B 182 -6.76 -22.04 -5.89
C ALA B 182 -7.31 -20.62 -5.79
N PHE B 183 -7.94 -20.33 -4.66
CA PHE B 183 -8.47 -18.99 -4.39
C PHE B 183 -7.36 -17.95 -4.34
N GLU B 184 -6.32 -18.25 -3.56
CA GLU B 184 -5.18 -17.33 -3.47
C GLU B 184 -4.51 -17.07 -4.80
N GLU B 185 -4.42 -18.10 -5.65
CA GLU B 185 -3.84 -17.93 -6.97
C GLU B 185 -4.68 -16.95 -7.83
N MET B 186 -5.99 -17.09 -7.80
CA MET B 186 -6.85 -16.20 -8.57
C MET B 186 -6.76 -14.77 -8.03
N ARG B 187 -6.81 -14.63 -6.71
CA ARG B 187 -6.73 -13.33 -6.04
C ARG B 187 -5.40 -12.62 -6.35
N THR B 188 -4.29 -13.32 -6.15
CA THR B 188 -2.99 -12.77 -6.51
C THR B 188 -2.91 -12.37 -7.97
N ASN B 189 -3.51 -13.14 -8.88
CA ASN B 189 -3.46 -12.83 -10.31
C ASN B 189 -4.21 -11.54 -10.64
N TYR B 190 -5.35 -11.35 -10.00
CA TYR B 190 -6.09 -10.11 -10.22
C TYR B 190 -5.49 -8.90 -9.54
N ILE B 191 -4.89 -9.08 -8.36
CA ILE B 191 -4.12 -7.98 -7.74
C ILE B 191 -2.97 -7.55 -8.65
N LYS B 192 -2.29 -8.53 -9.25
CA LYS B 192 -1.24 -8.23 -10.23
C LYS B 192 -1.79 -7.42 -11.41
N GLU B 193 -2.98 -7.76 -11.90
CA GLU B 193 -3.59 -7.03 -13.00
C GLU B 193 -3.83 -5.55 -12.62
N LEU B 194 -4.28 -5.32 -11.40
CA LEU B 194 -4.53 -3.95 -10.95
C LEU B 194 -3.19 -3.18 -10.86
N ARG B 195 -2.18 -3.83 -10.28
CA ARG B 195 -0.85 -3.23 -10.13
C ARG B 195 -0.27 -2.83 -11.49
N LYS B 196 -0.44 -3.68 -12.50
CA LYS B 196 -0.05 -3.34 -13.88
C LYS B 196 -0.81 -2.17 -14.48
N MET B 197 -2.10 -2.08 -14.17
CA MET B 197 -2.94 -1.01 -14.69
C MET B 197 -2.53 0.39 -14.20
N VAL B 198 -1.95 0.47 -13.00
CA VAL B 198 -1.60 1.77 -12.45
C VAL B 198 -0.16 2.16 -12.80
N THR B 199 0.53 1.31 -13.55
CA THR B 199 1.89 1.70 -13.95
C THR B 199 1.84 2.56 -15.20
N ASN B 203 7.66 5.92 -16.69
CA ASN B 203 7.70 5.27 -15.33
C ASN B 203 7.86 6.28 -14.18
N ASN B 204 6.96 6.17 -13.21
CA ASN B 204 7.03 6.96 -11.98
C ASN B 204 6.50 6.04 -10.87
N SER B 205 7.41 5.36 -10.18
CA SER B 205 7.01 4.43 -9.11
C SER B 205 6.20 5.16 -8.04
N GLY B 206 6.66 6.34 -7.65
CA GLY B 206 5.95 7.14 -6.65
C GLY B 206 4.48 7.30 -6.99
N GLN B 207 4.19 7.73 -8.22
CA GLN B 207 2.80 7.96 -8.63
C GLN B 207 2.01 6.65 -8.73
N SER B 208 2.62 5.62 -9.29
CA SER B 208 1.97 4.30 -9.41
C SER B 208 1.57 3.74 -8.05
N TRP B 209 2.49 3.77 -7.09
CA TRP B 209 2.17 3.25 -5.75
C TRP B 209 1.14 4.12 -5.02
N GLN B 210 1.20 5.42 -5.20
CA GLN B 210 0.24 6.30 -4.56
C GLN B 210 -1.18 5.96 -5.07
N ARG B 211 -1.31 5.76 -6.37
CA ARG B 211 -2.65 5.41 -6.90
C ARG B 211 -3.07 4.02 -6.42
N PHE B 212 -2.14 3.06 -6.49
CA PHE B 212 -2.44 1.71 -6.00
C PHE B 212 -2.99 1.75 -4.60
N TYR B 213 -2.38 2.57 -3.75
CA TYR B 213 -2.85 2.70 -2.37
C TYR B 213 -4.23 3.35 -2.27
N GLN B 214 -4.51 4.30 -3.16
CA GLN B 214 -5.82 4.95 -3.13
C GLN B 214 -6.90 3.93 -3.52
N LEU B 215 -6.58 3.09 -4.50
CA LEU B 215 -7.54 2.05 -4.94
C LEU B 215 -7.74 0.95 -3.91
N THR B 216 -6.67 0.50 -3.25
CA THR B 216 -6.86 -0.54 -2.23
C THR B 216 -7.53 0.02 -0.96
N LYS B 217 -7.28 1.28 -0.63
CA LYS B 217 -7.98 1.94 0.48
C LYS B 217 -9.49 1.94 0.18
N LEU B 218 -9.82 2.25 -1.06
CA LEU B 218 -11.24 2.31 -1.47
C LEU B 218 -11.89 0.91 -1.36
N LEU B 219 -11.19 -0.11 -1.87
CA LEU B 219 -11.63 -1.49 -1.72
C LEU B 219 -11.88 -1.86 -0.24
N ASP B 220 -10.89 -1.58 0.60
CA ASP B 220 -11.07 -1.85 2.01
C ASP B 220 -12.26 -1.12 2.61
N SER B 221 -12.53 0.10 2.15
CA SER B 221 -13.63 0.90 2.69
C SER B 221 -15.02 0.28 2.38
N MET B 222 -15.05 -0.57 1.36
CA MET B 222 -16.31 -1.26 1.00
C MET B 222 -16.75 -2.23 2.10
N HIS B 223 -15.81 -2.80 2.86
CA HIS B 223 -16.24 -3.68 3.94
C HIS B 223 -17.14 -3.02 4.98
N ASP B 224 -16.80 -1.83 5.46
CA ASP B 224 -17.64 -1.20 6.47
C ASP B 224 -18.98 -0.80 5.86
N LEU B 225 -18.95 -0.30 4.63
CA LEU B 225 -20.21 0.08 3.98
C LEU B 225 -21.12 -1.13 3.82
N VAL B 226 -20.56 -2.21 3.30
CA VAL B 226 -21.34 -3.43 3.05
C VAL B 226 -21.86 -4.02 4.33
N SER B 227 -21.05 -3.97 5.40
CA SER B 227 -21.56 -4.43 6.66
C SER B 227 -22.83 -3.70 7.06
N ASP B 228 -22.85 -2.38 6.90
CA ASP B 228 -24.02 -1.57 7.25
C ASP B 228 -25.20 -1.89 6.32
N LEU B 229 -24.90 -2.09 5.03
CA LEU B 229 -25.97 -2.42 4.08
C LEU B 229 -26.61 -3.77 4.43
N LEU B 230 -25.77 -4.75 4.78
CA LEU B 230 -26.28 -6.11 5.10
C LEU B 230 -27.05 -6.07 6.40
N GLU B 231 -26.58 -5.29 7.36
CA GLU B 231 -27.33 -5.14 8.62
C GLU B 231 -28.79 -4.69 8.36
N PHE B 232 -28.97 -3.68 7.52
CA PHE B 232 -30.29 -3.21 7.15
C PHE B 232 -31.04 -4.25 6.33
N CYS B 233 -30.34 -4.92 5.43
CA CYS B 233 -30.96 -5.95 4.61
C CYS B 233 -31.52 -7.08 5.50
N PHE B 234 -30.69 -7.56 6.43
CA PHE B 234 -31.12 -8.69 7.28
C PHE B 234 -32.27 -8.28 8.16
N TYR B 235 -32.25 -7.01 8.59
CA TYR B 235 -33.32 -6.46 9.43
C TYR B 235 -34.64 -6.46 8.62
N THR B 236 -34.62 -5.91 7.41
CA THR B 236 -35.85 -5.87 6.61
C THR B 236 -36.31 -7.25 6.19
N PHE B 237 -35.37 -8.19 6.11
CA PHE B 237 -35.73 -9.55 5.72
C PHE B 237 -36.44 -10.24 6.89
N ARG B 238 -35.86 -10.10 8.07
CA ARG B 238 -36.46 -10.64 9.28
C ARG B 238 -37.84 -10.03 9.59
N GLU B 239 -38.00 -8.75 9.31
CA GLU B 239 -39.25 -8.06 9.60
C GLU B 239 -40.07 -7.77 8.35
N SER B 240 -39.91 -8.63 7.32
CA SER B 240 -40.51 -8.36 6.04
C SER B 240 -42.02 -8.22 6.14
N HIS B 241 -42.63 -9.01 7.03
CA HIS B 241 -44.07 -8.97 7.16
C HIS B 241 -44.55 -7.65 7.75
N ALA B 242 -43.96 -7.27 8.87
CA ALA B 242 -44.35 -6.04 9.55
C ALA B 242 -44.13 -4.83 8.64
N LEU B 243 -43.00 -4.85 7.91
CA LEU B 243 -42.56 -3.70 7.13
C LEU B 243 -43.15 -3.66 5.72
N LYS B 244 -43.79 -4.76 5.32
CA LYS B 244 -44.40 -4.93 4.00
C LYS B 244 -43.34 -4.82 2.87
N VAL B 245 -42.14 -5.35 3.15
CA VAL B 245 -41.04 -5.32 2.17
C VAL B 245 -40.95 -6.68 1.51
N GLU B 246 -41.01 -6.70 0.19
CA GLU B 246 -41.04 -7.94 -0.56
C GLU B 246 -39.65 -8.24 -1.09
N PHE B 247 -39.34 -9.52 -1.17
CA PHE B 247 -38.07 -9.97 -1.77
C PHE B 247 -38.38 -11.01 -2.85
N PRO B 248 -37.67 -10.96 -3.98
CA PRO B 248 -37.80 -11.99 -5.00
C PRO B 248 -37.08 -13.30 -4.58
N ALA B 249 -37.46 -14.37 -5.25
CA ALA B 249 -36.90 -15.70 -4.96
C ALA B 249 -35.36 -15.74 -4.87
N MET B 250 -34.69 -15.10 -5.81
CA MET B 250 -33.23 -15.09 -5.85
C MET B 250 -32.69 -14.46 -4.57
N LEU B 251 -33.29 -13.37 -4.08
CA LEU B 251 -32.74 -12.78 -2.84
C LEU B 251 -33.12 -13.62 -1.63
N VAL B 252 -34.29 -14.26 -1.65
CA VAL B 252 -34.64 -15.14 -0.53
C VAL B 252 -33.61 -16.25 -0.44
N GLU B 253 -33.22 -16.82 -1.60
CA GLU B 253 -32.19 -17.85 -1.63
C GLU B 253 -30.87 -17.35 -1.06
N ILE B 254 -30.43 -16.18 -1.52
CA ILE B 254 -29.13 -15.66 -1.07
C ILE B 254 -29.12 -15.25 0.41
N ILE B 255 -30.16 -14.52 0.83
CA ILE B 255 -30.16 -13.98 2.20
C ILE B 255 -30.42 -15.14 3.19
N SER B 256 -31.23 -16.13 2.80
CA SER B 256 -31.48 -17.27 3.68
C SER B 256 -30.19 -18.02 3.97
N ASP B 257 -29.28 -18.00 3.00
CA ASP B 257 -27.98 -18.63 3.20
C ASP B 257 -27.03 -17.73 4.02
N GLN B 258 -27.02 -16.46 3.68
CA GLN B 258 -26.02 -15.54 4.22
C GLN B 258 -26.31 -15.03 5.62
N LEU B 259 -27.57 -14.79 5.92
CA LEU B 259 -27.93 -14.14 7.18
C LEU B 259 -27.31 -14.93 8.39
N PRO B 260 -27.59 -16.24 8.51
CA PRO B 260 -27.03 -17.01 9.62
C PRO B 260 -25.51 -17.09 9.59
N LYS B 261 -24.90 -17.15 8.41
CA LYS B 261 -23.44 -17.26 8.28
C LYS B 261 -22.79 -15.97 8.75
N VAL B 262 -23.32 -14.83 8.29
CA VAL B 262 -22.72 -13.56 8.67
C VAL B 262 -22.99 -13.28 10.16
N GLU B 263 -24.20 -13.57 10.62
CA GLU B 263 -24.55 -13.19 11.99
C GLU B 263 -23.83 -14.09 13.00
N SER B 264 -23.42 -15.27 12.56
CA SER B 264 -22.66 -16.21 13.41
C SER B 264 -21.15 -15.93 13.43
N GLY B 265 -20.74 -14.90 12.69
CA GLY B 265 -19.33 -14.56 12.60
C GLY B 265 -18.48 -15.36 11.62
N ASN B 266 -19.10 -16.08 10.69
CA ASN B 266 -18.37 -16.87 9.70
C ASN B 266 -17.85 -16.09 8.49
N ALA B 267 -18.14 -14.81 8.39
CA ALA B 267 -17.68 -14.09 7.20
C ALA B 267 -16.39 -13.35 7.50
N LYS B 268 -15.27 -13.83 6.96
CA LYS B 268 -13.99 -13.15 7.17
C LYS B 268 -13.65 -12.17 6.03
N PRO B 269 -13.63 -10.89 6.34
CA PRO B 269 -13.23 -9.89 5.34
C PRO B 269 -11.71 -9.90 5.12
N LEU B 270 -11.29 -9.75 3.87
CA LEU B 270 -9.88 -9.61 3.53
C LEU B 270 -9.53 -8.14 3.26
N TYR B 271 -8.53 -7.67 3.97
CA TYR B 271 -8.09 -6.28 3.84
C TYR B 271 -6.71 -6.17 3.22
N PHE B 272 -6.46 -5.05 2.56
CA PHE B 272 -5.11 -4.75 2.08
C PHE B 272 -4.28 -4.05 3.15
N HIS B 273 -4.97 -3.30 4.01
CA HIS B 273 -4.28 -2.49 5.02
C HIS B 273 -4.69 -2.92 6.41
#